data_1K81
#
_entry.id   1K81
#
loop_
_entity.id
_entity.type
_entity.pdbx_description
1 polymer 'PROBABLE TRANSLATION INITIATION FACTOR 2 BETA SUBUNIT'
2 non-polymer 'ZINC ION'
#
_entity_poly.entity_id   1
_entity_poly.type   'polypeptide(L)'
_entity_poly.pdbx_seq_one_letter_code
;VICRECGKPDTKIIKEGRVHLLKCMACGAIRPIRMI
;
_entity_poly.pdbx_strand_id   A
#
loop_
_chem_comp.id
_chem_comp.type
_chem_comp.name
_chem_comp.formula
ZN non-polymer 'ZINC ION' 'Zn 2'
#
# COMPACT_ATOMS: atom_id res chain seq x y z
N VAL A 1 1.11 -10.37 6.94
CA VAL A 1 0.89 -10.96 5.63
C VAL A 1 1.41 -10.06 4.51
N ILE A 2 0.94 -8.82 4.50
CA ILE A 2 1.35 -7.87 3.47
C ILE A 2 2.83 -7.54 3.58
N CYS A 3 3.20 -7.22 4.79
CA CYS A 3 4.59 -6.87 5.10
C CYS A 3 5.07 -7.65 6.33
N ARG A 4 5.81 -8.73 6.08
CA ARG A 4 6.33 -9.56 7.16
C ARG A 4 7.72 -9.09 7.60
N GLU A 5 8.50 -8.57 6.66
CA GLU A 5 9.84 -8.09 6.96
C GLU A 5 9.84 -6.58 7.18
N CYS A 6 8.75 -6.08 7.75
CA CYS A 6 8.60 -4.66 8.01
C CYS A 6 8.51 -4.37 9.51
N GLY A 7 7.97 -5.34 10.26
CA GLY A 7 7.84 -5.18 11.69
C GLY A 7 6.68 -4.29 12.08
N LYS A 8 6.98 -3.15 12.68
CA LYS A 8 5.95 -2.20 13.10
C LYS A 8 6.12 -0.86 12.38
N PRO A 9 5.64 -0.77 11.14
CA PRO A 9 5.74 0.43 10.31
C PRO A 9 4.43 1.21 10.30
N ASP A 10 4.14 1.88 9.19
CA ASP A 10 2.90 2.64 9.06
C ASP A 10 2.22 2.30 7.75
N THR A 11 0.90 2.44 7.69
CA THR A 11 0.18 2.14 6.46
C THR A 11 -0.71 3.31 6.04
N LYS A 12 -0.61 3.66 4.76
CA LYS A 12 -1.40 4.75 4.19
C LYS A 12 -2.02 4.29 2.87
N ILE A 13 -3.29 4.63 2.66
CA ILE A 13 -3.96 4.28 1.41
C ILE A 13 -4.63 5.51 0.79
N ILE A 14 -4.47 5.67 -0.52
CA ILE A 14 -5.07 6.78 -1.23
C ILE A 14 -5.83 6.27 -2.46
N LYS A 15 -7.03 6.80 -2.70
CA LYS A 15 -7.80 6.42 -3.87
C LYS A 15 -8.25 7.66 -4.63
N GLU A 16 -8.14 7.60 -5.96
CA GLU A 16 -8.57 8.70 -6.82
C GLU A 16 -9.46 8.16 -7.93
N GLY A 17 -10.56 8.82 -8.23
CA GLY A 17 -11.41 8.35 -9.31
C GLY A 17 -11.92 6.92 -9.10
N ARG A 18 -11.22 5.94 -9.68
CA ARG A 18 -11.63 4.53 -9.55
C ARG A 18 -10.41 3.60 -9.50
N VAL A 19 -9.34 4.07 -8.88
CA VAL A 19 -8.11 3.34 -8.75
C VAL A 19 -7.64 3.46 -7.30
N HIS A 20 -7.19 2.33 -6.77
CA HIS A 20 -6.66 2.28 -5.41
C HIS A 20 -5.15 2.05 -5.42
N LEU A 21 -4.45 2.78 -4.56
CA LEU A 21 -3.03 2.66 -4.41
C LEU A 21 -2.71 2.46 -2.94
N LEU A 22 -1.80 1.56 -2.66
CA LEU A 22 -1.37 1.31 -1.30
C LEU A 22 0.11 1.64 -1.18
N LYS A 23 0.43 2.31 -0.10
CA LYS A 23 1.78 2.68 0.21
C LYS A 23 2.10 2.27 1.63
N CYS A 24 3.28 1.73 1.82
CA CYS A 24 3.76 1.34 3.12
C CYS A 24 5.01 2.13 3.40
N MET A 25 5.10 2.65 4.61
CA MET A 25 6.26 3.40 5.01
C MET A 25 7.07 2.60 6.02
N ALA A 26 8.36 2.54 5.72
CA ALA A 26 9.37 1.83 6.51
C ALA A 26 10.22 1.01 5.57
N CYS A 27 9.55 0.43 4.59
CA CYS A 27 10.20 -0.37 3.56
C CYS A 27 10.09 0.32 2.20
N GLY A 28 9.25 1.37 2.14
CA GLY A 28 9.06 2.08 0.90
C GLY A 28 8.55 1.18 -0.20
N ALA A 29 7.32 0.69 -0.04
CA ALA A 29 6.75 -0.22 -1.03
C ALA A 29 5.43 0.30 -1.58
N ILE A 30 5.25 0.19 -2.89
CA ILE A 30 4.00 0.60 -3.52
C ILE A 30 3.38 -0.56 -4.29
N ARG A 31 2.07 -0.73 -4.14
CA ARG A 31 1.33 -1.77 -4.84
C ARG A 31 0.09 -1.19 -5.51
N PRO A 32 -0.17 -1.60 -6.77
CA PRO A 32 -1.35 -1.17 -7.53
C PRO A 32 -2.52 -2.14 -7.37
N ILE A 33 -3.71 -1.59 -7.15
CA ILE A 33 -4.90 -2.41 -6.98
C ILE A 33 -6.12 -1.73 -7.59
N ARG A 34 -7.13 -2.52 -7.94
CA ARG A 34 -8.35 -1.99 -8.53
C ARG A 34 -9.46 -3.04 -8.51
N MET A 35 -10.61 -2.67 -7.95
CA MET A 35 -11.75 -3.58 -7.88
C MET A 35 -12.87 -3.13 -8.82
N ILE A 36 -13.04 -1.82 -8.93
CA ILE A 36 -14.08 -1.26 -9.80
C ILE A 36 -13.54 -1.03 -11.21
ZN ZN B . 6.35 -2.37 4.55
N VAL A 1 5.07 -12.61 2.85
CA VAL A 1 4.38 -12.17 1.65
C VAL A 1 3.70 -10.80 1.86
N ILE A 2 2.86 -10.71 2.88
CA ILE A 2 2.16 -9.46 3.17
C ILE A 2 3.12 -8.35 3.49
N CYS A 3 4.02 -8.67 4.39
CA CYS A 3 5.04 -7.73 4.84
C CYS A 3 6.22 -8.49 5.47
N ARG A 4 7.41 -8.32 4.88
CA ARG A 4 8.60 -9.01 5.36
C ARG A 4 8.87 -8.74 6.85
N GLU A 5 9.72 -7.76 7.15
CA GLU A 5 10.06 -7.43 8.53
C GLU A 5 9.38 -6.13 8.96
N CYS A 6 8.11 -5.99 8.60
CA CYS A 6 7.34 -4.81 8.94
C CYS A 6 6.90 -4.85 10.41
N GLY A 7 7.86 -4.65 11.31
CA GLY A 7 7.55 -4.65 12.73
C GLY A 7 7.07 -3.30 13.22
N LYS A 8 5.83 -3.25 13.70
CA LYS A 8 5.25 -2.01 14.20
C LYS A 8 5.38 -0.90 13.16
N PRO A 9 4.72 -1.06 12.00
CA PRO A 9 4.75 -0.11 10.91
C PRO A 9 3.48 0.74 10.86
N ASP A 10 3.12 1.20 9.67
CA ASP A 10 1.91 2.01 9.49
C ASP A 10 1.29 1.73 8.13
N THR A 11 0.01 2.06 7.96
CA THR A 11 -0.64 1.83 6.69
C THR A 11 -1.26 3.12 6.14
N LYS A 12 -0.98 3.39 4.86
CA LYS A 12 -1.51 4.57 4.20
C LYS A 12 -2.11 4.19 2.84
N ILE A 13 -3.26 4.75 2.52
CA ILE A 13 -3.89 4.47 1.22
C ILE A 13 -4.23 5.78 0.51
N ILE A 14 -3.94 5.82 -0.79
CA ILE A 14 -4.26 7.00 -1.61
C ILE A 14 -4.98 6.56 -2.89
N LYS A 15 -6.02 7.30 -3.26
CA LYS A 15 -6.73 6.99 -4.49
C LYS A 15 -6.85 8.23 -5.38
N GLU A 16 -6.61 8.06 -6.67
CA GLU A 16 -6.72 9.15 -7.62
C GLU A 16 -7.57 8.71 -8.80
N GLY A 17 -8.47 9.57 -9.27
CA GLY A 17 -9.29 9.23 -10.42
C GLY A 17 -10.14 7.98 -10.20
N ARG A 18 -9.83 6.90 -10.93
CA ARG A 18 -10.58 5.65 -10.80
C ARG A 18 -9.66 4.46 -10.52
N VAL A 19 -8.53 4.74 -9.90
CA VAL A 19 -7.55 3.74 -9.54
C VAL A 19 -7.14 3.94 -8.10
N HIS A 20 -7.05 2.84 -7.39
CA HIS A 20 -6.63 2.84 -5.99
C HIS A 20 -5.24 2.23 -5.83
N LEU A 21 -4.43 2.87 -5.00
CA LEU A 21 -3.11 2.39 -4.71
C LEU A 21 -2.93 2.31 -3.20
N LEU A 22 -2.33 1.24 -2.76
CA LEU A 22 -2.06 1.02 -1.35
C LEU A 22 -0.56 1.14 -1.13
N LYS A 23 -0.23 1.83 -0.07
CA LYS A 23 1.14 2.02 0.33
C LYS A 23 1.30 1.67 1.80
N CYS A 24 2.37 0.98 2.10
CA CYS A 24 2.71 0.62 3.46
C CYS A 24 4.04 1.24 3.77
N MET A 25 4.14 1.81 4.96
CA MET A 25 5.38 2.43 5.38
C MET A 25 6.05 1.61 6.46
N ALA A 26 7.34 1.40 6.22
CA ALA A 26 8.22 0.63 7.09
C ALA A 26 8.99 -0.38 6.25
N CYS A 27 8.27 -0.96 5.30
CA CYS A 27 8.82 -1.93 4.38
C CYS A 27 8.88 -1.32 2.98
N GLY A 28 8.21 -0.18 2.79
CA GLY A 28 8.18 0.48 1.50
C GLY A 28 7.59 -0.40 0.43
N ALA A 29 6.30 -0.69 0.53
CA ALA A 29 5.64 -1.56 -0.45
C ALA A 29 4.47 -0.86 -1.12
N ILE A 30 4.35 -1.02 -2.43
CA ILE A 30 3.23 -0.45 -3.17
C ILE A 30 2.54 -1.51 -4.01
N ARG A 31 1.22 -1.51 -3.98
CA ARG A 31 0.42 -2.43 -4.77
C ARG A 31 -0.66 -1.69 -5.56
N PRO A 32 -0.86 -2.05 -6.84
CA PRO A 32 -1.88 -1.47 -7.69
C PRO A 32 -3.17 -2.27 -7.69
N ILE A 33 -4.31 -1.58 -7.58
CA ILE A 33 -5.60 -2.25 -7.57
C ILE A 33 -6.68 -1.37 -8.22
N ARG A 34 -7.67 -2.01 -8.83
CA ARG A 34 -8.76 -1.30 -9.48
C ARG A 34 -8.24 -0.46 -10.64
N MET A 35 -8.34 -1.00 -11.85
CA MET A 35 -7.88 -0.30 -13.04
C MET A 35 -9.06 0.20 -13.86
N ILE A 36 -8.77 0.75 -15.04
CA ILE A 36 -9.82 1.27 -15.92
C ILE A 36 -9.60 0.78 -17.35
ZN ZN B . 4.69 -3.25 5.35
N VAL A 1 4.40 -11.56 1.95
CA VAL A 1 5.74 -11.83 2.45
C VAL A 1 6.58 -10.56 2.55
N ILE A 2 6.60 -9.77 1.48
CA ILE A 2 7.37 -8.52 1.45
C ILE A 2 7.07 -7.68 2.68
N CYS A 3 5.80 -7.51 2.91
CA CYS A 3 5.31 -6.72 4.04
C CYS A 3 4.95 -7.63 5.21
N ARG A 4 5.76 -8.67 5.41
CA ARG A 4 5.53 -9.62 6.50
C ARG A 4 6.36 -9.24 7.73
N GLU A 5 7.52 -8.64 7.49
CA GLU A 5 8.41 -8.22 8.57
C GLU A 5 8.18 -6.75 8.93
N CYS A 6 6.96 -6.28 8.71
CA CYS A 6 6.60 -4.90 8.99
C CYS A 6 6.13 -4.76 10.43
N GLY A 7 6.93 -4.12 11.27
CA GLY A 7 6.59 -3.94 12.66
C GLY A 7 5.71 -2.72 12.91
N LYS A 8 4.52 -2.72 12.31
CA LYS A 8 3.57 -1.61 12.47
C LYS A 8 4.27 -0.25 12.34
N PRO A 9 4.88 0.01 11.16
CA PRO A 9 5.57 1.28 10.92
C PRO A 9 4.61 2.40 10.55
N ASP A 10 4.50 2.75 9.25
CA ASP A 10 3.58 3.81 8.85
C ASP A 10 2.69 3.34 7.72
N THR A 11 1.45 3.81 7.68
CA THR A 11 0.54 3.42 6.61
C THR A 11 -0.10 4.63 5.95
N LYS A 12 -0.08 4.65 4.62
CA LYS A 12 -0.65 5.75 3.85
C LYS A 12 -1.50 5.20 2.71
N ILE A 13 -2.66 5.80 2.49
CA ILE A 13 -3.52 5.38 1.38
C ILE A 13 -3.95 6.59 0.56
N ILE A 14 -3.91 6.47 -0.75
CA ILE A 14 -4.33 7.55 -1.63
C ILE A 14 -5.30 7.04 -2.68
N LYS A 15 -6.36 7.80 -2.92
CA LYS A 15 -7.33 7.44 -3.95
C LYS A 15 -7.58 8.60 -4.90
N GLU A 16 -7.63 8.31 -6.19
CA GLU A 16 -7.91 9.33 -7.21
C GLU A 16 -9.01 8.84 -8.13
N GLY A 17 -9.97 9.68 -8.46
CA GLY A 17 -11.02 9.26 -9.39
C GLY A 17 -11.80 8.04 -8.88
N ARG A 18 -11.53 6.87 -9.48
CA ARG A 18 -12.21 5.64 -9.08
C ARG A 18 -11.25 4.46 -8.95
N VAL A 19 -10.02 4.77 -8.52
CA VAL A 19 -8.98 3.80 -8.33
C VAL A 19 -8.33 4.05 -6.98
N HIS A 20 -8.07 2.96 -6.28
CA HIS A 20 -7.42 3.02 -4.98
C HIS A 20 -6.01 2.45 -5.05
N LEU A 21 -5.08 3.12 -4.39
CA LEU A 21 -3.71 2.69 -4.32
C LEU A 21 -3.29 2.66 -2.86
N LEU A 22 -2.59 1.61 -2.48
CA LEU A 22 -2.10 1.47 -1.13
C LEU A 22 -0.59 1.53 -1.13
N LYS A 23 -0.07 2.25 -0.17
CA LYS A 23 1.35 2.40 0.02
C LYS A 23 1.66 2.13 1.49
N CYS A 24 2.73 1.40 1.71
CA CYS A 24 3.19 1.11 3.05
C CYS A 24 4.61 1.63 3.17
N MET A 25 4.88 2.28 4.27
CA MET A 25 6.20 2.81 4.53
C MET A 25 6.89 2.03 5.63
N ALA A 26 8.12 1.66 5.30
CA ALA A 26 9.03 0.90 6.16
C ALA A 26 9.58 -0.28 5.37
N CYS A 27 8.71 -0.87 4.57
CA CYS A 27 9.07 -2.00 3.72
C CYS A 27 9.05 -1.56 2.26
N GLY A 28 8.54 -0.35 2.00
CA GLY A 28 8.46 0.15 0.64
C GLY A 28 7.66 -0.76 -0.25
N ALA A 29 6.36 -0.88 0.03
CA ALA A 29 5.51 -1.77 -0.76
C ALA A 29 4.37 -1.00 -1.41
N ILE A 30 4.09 -1.31 -2.67
CA ILE A 30 2.98 -0.68 -3.38
C ILE A 30 2.05 -1.74 -3.96
N ARG A 31 0.75 -1.52 -3.80
CA ARG A 31 -0.25 -2.42 -4.35
C ARG A 31 -1.31 -1.65 -5.14
N PRO A 32 -1.69 -2.18 -6.32
CA PRO A 32 -2.71 -1.59 -7.18
C PRO A 32 -4.07 -2.24 -6.98
N ILE A 33 -5.02 -1.46 -6.46
CA ILE A 33 -6.37 -1.97 -6.23
C ILE A 33 -7.38 -1.19 -7.07
N ARG A 34 -7.62 -1.66 -8.29
CA ARG A 34 -8.56 -1.01 -9.19
C ARG A 34 -9.89 -1.75 -9.21
N MET A 35 -9.85 -3.04 -8.91
CA MET A 35 -11.07 -3.87 -8.90
C MET A 35 -11.69 -3.92 -10.29
N ILE A 36 -12.86 -4.56 -10.38
CA ILE A 36 -13.56 -4.68 -11.65
C ILE A 36 -12.78 -5.54 -12.64
ZN ZN B . 4.84 -2.84 5.06
N VAL A 1 1.09 -10.95 5.21
CA VAL A 1 1.90 -11.81 4.38
C VAL A 1 2.77 -11.00 3.41
N ILE A 2 2.14 -10.09 2.68
CA ILE A 2 2.86 -9.25 1.72
C ILE A 2 3.95 -8.45 2.40
N CYS A 3 3.54 -7.81 3.46
CA CYS A 3 4.44 -6.97 4.26
C CYS A 3 4.89 -7.71 5.51
N ARG A 4 5.91 -8.54 5.36
CA ARG A 4 6.45 -9.31 6.48
C ARG A 4 7.90 -8.94 6.75
N GLU A 5 8.29 -7.72 6.39
CA GLU A 5 9.65 -7.24 6.60
C GLU A 5 9.66 -5.96 7.44
N CYS A 6 8.77 -5.04 7.10
CA CYS A 6 8.68 -3.77 7.81
C CYS A 6 8.35 -3.99 9.29
N GLY A 7 7.25 -4.69 9.54
CA GLY A 7 6.86 -4.97 10.92
C GLY A 7 6.55 -3.71 11.72
N LYS A 8 5.34 -3.65 12.26
CA LYS A 8 4.91 -2.49 13.07
C LYS A 8 5.37 -1.17 12.44
N PRO A 9 5.02 -0.94 11.17
CA PRO A 9 5.39 0.27 10.44
C PRO A 9 4.23 1.24 10.32
N ASP A 10 4.22 2.03 9.25
CA ASP A 10 3.15 2.99 9.03
C ASP A 10 2.40 2.64 7.74
N THR A 11 1.09 2.89 7.70
CA THR A 11 0.32 2.58 6.50
C THR A 11 -0.49 3.78 6.04
N LYS A 12 -0.39 4.06 4.74
CA LYS A 12 -1.12 5.17 4.12
C LYS A 12 -1.79 4.69 2.84
N ILE A 13 -3.04 5.10 2.62
CA ILE A 13 -3.74 4.73 1.40
C ILE A 13 -4.34 5.96 0.71
N ILE A 14 -4.19 6.02 -0.61
CA ILE A 14 -4.74 7.11 -1.40
C ILE A 14 -5.52 6.55 -2.58
N LYS A 15 -6.69 7.12 -2.85
CA LYS A 15 -7.49 6.68 -3.98
C LYS A 15 -7.87 7.86 -4.87
N GLU A 16 -7.75 7.68 -6.17
CA GLU A 16 -8.13 8.72 -7.14
C GLU A 16 -9.03 8.12 -8.20
N GLY A 17 -10.09 8.81 -8.58
CA GLY A 17 -10.96 8.30 -9.63
C GLY A 17 -11.54 6.93 -9.31
N ARG A 18 -11.04 5.88 -9.97
CA ARG A 18 -11.53 4.52 -9.75
C ARG A 18 -10.38 3.52 -9.58
N VAL A 19 -9.25 4.00 -9.09
CA VAL A 19 -8.08 3.20 -8.85
C VAL A 19 -7.55 3.49 -7.45
N HIS A 20 -7.19 2.44 -6.76
CA HIS A 20 -6.65 2.54 -5.42
C HIS A 20 -5.16 2.19 -5.42
N LEU A 21 -4.37 2.96 -4.67
CA LEU A 21 -2.96 2.74 -4.52
C LEU A 21 -2.64 2.69 -3.03
N LEU A 22 -1.82 1.74 -2.66
CA LEU A 22 -1.39 1.58 -1.29
C LEU A 22 0.11 1.76 -1.19
N LYS A 23 0.51 2.48 -0.17
CA LYS A 23 1.89 2.73 0.11
C LYS A 23 2.16 2.40 1.57
N CYS A 24 3.26 1.74 1.81
CA CYS A 24 3.68 1.38 3.14
C CYS A 24 5.06 1.95 3.38
N MET A 25 5.23 2.53 4.55
CA MET A 25 6.51 3.08 4.92
C MET A 25 7.16 2.22 5.99
N ALA A 26 8.41 1.91 5.72
CA ALA A 26 9.27 1.10 6.58
C ALA A 26 9.99 0.10 5.70
N CYS A 27 9.24 -0.45 4.76
CA CYS A 27 9.76 -1.39 3.79
C CYS A 27 9.80 -0.73 2.41
N GLY A 28 9.15 0.44 2.32
CA GLY A 28 9.11 1.16 1.06
C GLY A 28 8.51 0.33 -0.05
N ALA A 29 7.23 0.01 0.08
CA ALA A 29 6.58 -0.82 -0.94
C ALA A 29 5.27 -0.22 -1.40
N ILE A 30 5.03 -0.24 -2.71
CA ILE A 30 3.77 0.25 -3.27
C ILE A 30 3.14 -0.80 -4.16
N ARG A 31 1.83 -0.97 -4.01
CA ARG A 31 1.07 -1.92 -4.82
C ARG A 31 -0.17 -1.26 -5.41
N PRO A 32 -0.46 -1.52 -6.71
CA PRO A 32 -1.63 -1.01 -7.40
C PRO A 32 -2.78 -2.01 -7.38
N ILE A 33 -4.00 -1.50 -7.31
CA ILE A 33 -5.19 -2.35 -7.29
C ILE A 33 -6.38 -1.65 -7.91
N ARG A 34 -7.25 -2.44 -8.55
CA ARG A 34 -8.45 -1.89 -9.20
C ARG A 34 -8.06 -0.93 -10.32
N MET A 35 -7.46 -1.47 -11.38
CA MET A 35 -7.05 -0.66 -12.52
C MET A 35 -7.77 -1.11 -13.79
N ILE A 36 -8.88 -0.46 -14.10
CA ILE A 36 -9.66 -0.78 -15.28
C ILE A 36 -10.19 0.49 -15.95
ZN ZN B . 5.46 -2.76 4.50
N VAL A 1 5.91 -11.35 0.41
CA VAL A 1 5.02 -10.78 -0.59
C VAL A 1 4.09 -9.73 0.03
N ILE A 2 3.31 -10.14 1.02
CA ILE A 2 2.38 -9.22 1.68
C ILE A 2 3.06 -7.97 2.17
N CYS A 3 4.16 -8.18 2.84
CA CYS A 3 4.97 -7.10 3.38
C CYS A 3 6.27 -7.65 3.96
N ARG A 4 7.36 -6.90 3.79
CA ARG A 4 8.67 -7.32 4.29
C ARG A 4 8.59 -7.81 5.73
N GLU A 5 8.16 -6.94 6.64
CA GLU A 5 8.03 -7.30 8.04
C GLU A 5 6.99 -6.42 8.72
N CYS A 6 5.73 -6.62 8.34
CA CYS A 6 4.63 -5.84 8.90
C CYS A 6 4.29 -6.30 10.31
N GLY A 7 4.43 -5.40 11.27
CA GLY A 7 4.13 -5.72 12.65
C GLY A 7 3.45 -4.56 13.37
N LYS A 8 4.09 -3.41 13.36
CA LYS A 8 3.55 -2.21 13.99
C LYS A 8 4.16 -0.95 13.38
N PRO A 9 4.05 -0.80 12.04
CA PRO A 9 4.59 0.35 11.33
C PRO A 9 3.51 1.41 11.07
N ASP A 10 3.55 2.04 9.89
CA ASP A 10 2.56 3.07 9.55
C ASP A 10 1.83 2.68 8.27
N THR A 11 0.60 3.15 8.12
CA THR A 11 -0.17 2.83 6.92
C THR A 11 -0.69 4.10 6.24
N LYS A 12 -0.49 4.17 4.93
CA LYS A 12 -0.94 5.30 4.14
C LYS A 12 -1.65 4.81 2.88
N ILE A 13 -2.77 5.43 2.53
CA ILE A 13 -3.49 5.07 1.31
C ILE A 13 -3.75 6.29 0.45
N ILE A 14 -3.52 6.14 -0.85
CA ILE A 14 -3.77 7.22 -1.80
C ILE A 14 -4.60 6.72 -2.97
N LYS A 15 -5.58 7.52 -3.39
CA LYS A 15 -6.41 7.16 -4.53
C LYS A 15 -6.44 8.31 -5.54
N GLU A 16 -6.30 7.97 -6.82
CA GLU A 16 -6.36 8.97 -7.89
C GLU A 16 -7.32 8.51 -8.96
N GLY A 17 -8.16 9.40 -9.47
CA GLY A 17 -9.08 9.03 -10.54
C GLY A 17 -10.01 7.88 -10.14
N ARG A 18 -9.88 6.74 -10.82
CA ARG A 18 -10.73 5.58 -10.55
C ARG A 18 -9.90 4.34 -10.19
N VAL A 19 -8.72 4.58 -9.64
CA VAL A 19 -7.81 3.53 -9.24
C VAL A 19 -7.31 3.83 -7.83
N HIS A 20 -7.28 2.80 -7.03
CA HIS A 20 -6.79 2.91 -5.65
C HIS A 20 -5.46 2.19 -5.48
N LEU A 21 -4.54 2.83 -4.76
CA LEU A 21 -3.25 2.27 -4.47
C LEU A 21 -3.01 2.34 -2.97
N LEU A 22 -2.48 1.27 -2.43
CA LEU A 22 -2.16 1.19 -1.03
C LEU A 22 -0.64 1.15 -0.87
N LYS A 23 -0.18 1.91 0.07
CA LYS A 23 1.23 1.98 0.40
C LYS A 23 1.40 1.79 1.90
N CYS A 24 2.40 1.02 2.26
CA CYS A 24 2.73 0.79 3.64
C CYS A 24 4.15 1.27 3.84
N MET A 25 4.37 1.98 4.94
CA MET A 25 5.68 2.48 5.26
C MET A 25 6.26 1.72 6.43
N ALA A 26 7.49 1.30 6.22
CA ALA A 26 8.29 0.54 7.19
C ALA A 26 8.81 -0.70 6.51
N CYS A 27 7.93 -1.29 5.69
CA CYS A 27 8.26 -2.48 4.92
C CYS A 27 8.42 -2.10 3.45
N GLY A 28 7.95 -0.90 3.10
CA GLY A 28 8.04 -0.42 1.73
C GLY A 28 7.32 -1.35 0.77
N ALA A 29 6.00 -1.40 0.89
CA ALA A 29 5.22 -2.28 0.01
C ALA A 29 4.10 -1.53 -0.70
N ILE A 30 3.91 -1.81 -1.99
CA ILE A 30 2.83 -1.18 -2.74
C ILE A 30 1.98 -2.24 -3.45
N ARG A 31 0.66 -2.07 -3.37
CA ARG A 31 -0.26 -2.98 -4.04
C ARG A 31 -1.28 -2.18 -4.85
N PRO A 32 -1.58 -2.64 -6.09
CA PRO A 32 -2.57 -2.02 -6.96
C PRO A 32 -3.94 -2.69 -6.86
N ILE A 33 -4.99 -1.90 -6.81
CA ILE A 33 -6.35 -2.44 -6.72
C ILE A 33 -7.36 -1.50 -7.39
N ARG A 34 -8.33 -2.08 -8.08
CA ARG A 34 -9.36 -1.31 -8.75
C ARG A 34 -10.64 -2.11 -8.90
N MET A 35 -11.02 -2.81 -7.81
CA MET A 35 -12.23 -3.62 -7.82
C MET A 35 -12.14 -4.74 -8.86
N ILE A 36 -11.99 -5.97 -8.38
CA ILE A 36 -11.89 -7.12 -9.26
C ILE A 36 -13.13 -8.00 -9.16
ZN ZN B . 3.85 -3.34 5.92
N VAL A 1 -0.16 -9.96 4.56
CA VAL A 1 -0.93 -8.86 4.00
C VAL A 1 -0.19 -7.52 4.13
N ILE A 2 -0.07 -7.03 5.35
CA ILE A 2 0.63 -5.76 5.60
C ILE A 2 2.03 -5.77 5.04
N CYS A 3 2.83 -6.55 5.70
CA CYS A 3 4.24 -6.70 5.35
C CYS A 3 4.86 -7.87 6.11
N ARG A 4 5.64 -8.68 5.41
CA ARG A 4 6.28 -9.85 6.00
C ARG A 4 7.73 -9.55 6.42
N GLU A 5 8.34 -8.55 5.79
CA GLU A 5 9.72 -8.19 6.09
C GLU A 5 9.84 -6.70 6.35
N CYS A 6 9.05 -6.21 7.30
CA CYS A 6 9.06 -4.79 7.65
C CYS A 6 9.35 -4.60 9.14
N GLY A 7 8.56 -5.28 9.98
CA GLY A 7 8.73 -5.17 11.41
C GLY A 7 7.77 -4.19 12.05
N LYS A 8 6.48 -4.47 11.93
CA LYS A 8 5.44 -3.61 12.50
C LYS A 8 5.62 -2.17 12.02
N PRO A 9 5.24 -1.89 10.76
CA PRO A 9 5.34 -0.57 10.16
C PRO A 9 4.00 0.16 10.19
N ASP A 10 3.73 0.96 9.17
CA ASP A 10 2.48 1.71 9.09
C ASP A 10 1.83 1.49 7.72
N THR A 11 0.52 1.57 7.65
CA THR A 11 -0.16 1.38 6.37
C THR A 11 -0.97 2.62 5.97
N LYS A 12 -0.79 3.02 4.73
CA LYS A 12 -1.50 4.17 4.18
C LYS A 12 -2.06 3.82 2.80
N ILE A 13 -3.30 4.23 2.53
CA ILE A 13 -3.90 3.97 1.23
C ILE A 13 -4.45 5.26 0.62
N ILE A 14 -4.19 5.44 -0.67
CA ILE A 14 -4.69 6.61 -1.40
C ILE A 14 -5.36 6.16 -2.69
N LYS A 15 -6.49 6.76 -3.00
CA LYS A 15 -7.19 6.45 -4.24
C LYS A 15 -7.50 7.72 -5.01
N GLU A 16 -7.27 7.68 -6.32
CA GLU A 16 -7.57 8.81 -7.20
C GLU A 16 -8.38 8.33 -8.39
N GLY A 17 -9.42 9.07 -8.77
CA GLY A 17 -10.20 8.66 -9.94
C GLY A 17 -10.79 7.26 -9.80
N ARG A 18 -10.15 6.28 -10.43
CA ARG A 18 -10.64 4.89 -10.37
C ARG A 18 -9.48 3.88 -10.24
N VAL A 19 -8.44 4.30 -9.53
CA VAL A 19 -7.26 3.49 -9.31
C VAL A 19 -6.90 3.57 -7.83
N HIS A 20 -6.55 2.43 -7.28
CA HIS A 20 -6.14 2.32 -5.89
C HIS A 20 -4.65 2.03 -5.79
N LEU A 21 -3.99 2.71 -4.86
CA LEU A 21 -2.58 2.52 -4.62
C LEU A 21 -2.37 2.30 -3.12
N LEU A 22 -1.53 1.36 -2.81
CA LEU A 22 -1.18 1.06 -1.44
C LEU A 22 0.28 1.42 -1.20
N LYS A 23 0.51 2.04 -0.08
CA LYS A 23 1.84 2.44 0.32
C LYS A 23 2.09 1.98 1.76
N CYS A 24 3.27 1.47 1.98
CA CYS A 24 3.70 1.05 3.28
C CYS A 24 4.90 1.88 3.66
N MET A 25 4.92 2.33 4.90
CA MET A 25 6.03 3.11 5.38
C MET A 25 6.83 2.29 6.37
N ALA A 26 8.12 2.30 6.12
CA ALA A 26 9.13 1.58 6.91
C ALA A 26 10.08 0.89 5.95
N CYS A 27 9.49 0.37 4.87
CA CYS A 27 10.24 -0.30 3.82
C CYS A 27 10.12 0.50 2.51
N GLY A 28 9.19 1.46 2.49
CA GLY A 28 8.99 2.26 1.30
C GLY A 28 8.59 1.41 0.12
N ALA A 29 7.39 0.84 0.19
CA ALA A 29 6.91 -0.03 -0.90
C ALA A 29 5.58 0.45 -1.46
N ILE A 30 5.46 0.44 -2.78
CA ILE A 30 4.20 0.82 -3.42
C ILE A 30 3.73 -0.27 -4.38
N ARG A 31 2.43 -0.57 -4.32
CA ARG A 31 1.83 -1.56 -5.20
C ARG A 31 0.57 -1.00 -5.85
N PRO A 32 0.38 -1.26 -7.17
CA PRO A 32 -0.79 -0.82 -7.91
C PRO A 32 -1.88 -1.89 -7.94
N ILE A 33 -3.13 -1.45 -7.79
CA ILE A 33 -4.26 -2.38 -7.79
C ILE A 33 -5.55 -1.66 -8.16
N ARG A 34 -6.36 -2.30 -8.99
CA ARG A 34 -7.63 -1.73 -9.42
C ARG A 34 -8.75 -2.77 -9.36
N MET A 35 -9.95 -2.31 -9.05
CA MET A 35 -11.11 -3.21 -8.96
C MET A 35 -10.88 -4.28 -7.89
N ILE A 36 -11.88 -5.12 -7.70
CA ILE A 36 -11.79 -6.20 -6.71
C ILE A 36 -12.95 -7.18 -6.86
ZN ZN B . 6.56 -2.49 4.64
N VAL A 1 0.15 -10.01 8.04
CA VAL A 1 -0.82 -10.13 6.98
C VAL A 1 -0.53 -9.16 5.83
N ILE A 2 -0.34 -7.88 6.18
CA ILE A 2 -0.06 -6.86 5.18
C ILE A 2 1.30 -7.05 4.56
N CYS A 3 2.29 -6.80 5.36
CA CYS A 3 3.69 -6.92 4.95
C CYS A 3 4.39 -8.04 5.72
N ARG A 4 5.04 -8.94 5.00
CA ARG A 4 5.75 -10.05 5.62
C ARG A 4 6.94 -9.51 6.42
N GLU A 5 6.67 -9.08 7.65
CA GLU A 5 7.70 -8.53 8.51
C GLU A 5 8.23 -7.22 7.94
N CYS A 6 7.33 -6.24 7.84
CA CYS A 6 7.68 -4.93 7.29
C CYS A 6 8.86 -4.31 8.04
N GLY A 7 8.60 -3.76 9.22
CA GLY A 7 9.65 -3.14 10.00
C GLY A 7 9.17 -2.58 11.32
N LYS A 8 8.33 -1.55 11.26
CA LYS A 8 7.80 -0.93 12.48
C LYS A 8 6.68 0.05 12.16
N PRO A 9 6.98 1.12 11.40
CA PRO A 9 6.00 2.15 11.04
C PRO A 9 4.58 1.58 10.78
N ASP A 10 4.20 1.39 9.51
CA ASP A 10 2.87 0.85 9.20
C ASP A 10 2.56 0.90 7.71
N THR A 11 1.31 0.62 7.35
CA THR A 11 0.89 0.62 5.96
C THR A 11 -0.39 1.45 5.79
N LYS A 12 -0.41 2.31 4.77
CA LYS A 12 -1.57 3.13 4.48
C LYS A 12 -1.97 3.00 3.01
N ILE A 13 -3.27 2.89 2.75
CA ILE A 13 -3.76 2.80 1.38
C ILE A 13 -4.62 4.01 1.05
N ILE A 14 -4.43 4.57 -0.15
CA ILE A 14 -5.22 5.72 -0.59
C ILE A 14 -5.77 5.46 -1.98
N LYS A 15 -7.03 5.82 -2.18
CA LYS A 15 -7.66 5.67 -3.49
C LYS A 15 -8.29 6.99 -3.94
N GLU A 16 -8.09 7.33 -5.20
CA GLU A 16 -8.67 8.55 -5.78
C GLU A 16 -9.37 8.21 -7.09
N GLY A 17 -10.55 8.77 -7.30
CA GLY A 17 -11.26 8.53 -8.55
C GLY A 17 -11.55 7.05 -8.80
N ARG A 18 -11.02 6.52 -9.91
CA ARG A 18 -11.23 5.12 -10.27
C ARG A 18 -9.92 4.33 -10.31
N VAL A 19 -8.92 4.85 -9.60
CA VAL A 19 -7.61 4.23 -9.53
C VAL A 19 -7.21 4.14 -8.06
N HIS A 20 -6.67 3.01 -7.70
CA HIS A 20 -6.18 2.77 -6.34
C HIS A 20 -4.66 2.69 -6.31
N LEU A 21 -4.07 3.32 -5.30
CA LEU A 21 -2.64 3.30 -5.09
C LEU A 21 -2.39 2.92 -3.65
N LEU A 22 -1.43 2.06 -3.44
CA LEU A 22 -1.05 1.65 -2.11
C LEU A 22 0.38 2.07 -1.82
N LYS A 23 0.57 2.60 -0.65
CA LYS A 23 1.86 3.01 -0.17
C LYS A 23 2.08 2.43 1.22
N CYS A 24 3.27 1.94 1.45
CA CYS A 24 3.62 1.41 2.74
C CYS A 24 4.89 2.09 3.20
N MET A 25 4.90 2.48 4.46
CA MET A 25 6.07 3.11 5.04
C MET A 25 6.74 2.17 6.02
N ALA A 26 8.03 2.05 5.83
CA ALA A 26 8.92 1.21 6.64
C ALA A 26 9.77 0.37 5.71
N CYS A 27 9.11 -0.14 4.67
CA CYS A 27 9.76 -0.93 3.65
C CYS A 27 9.86 -0.11 2.37
N GLY A 28 9.17 1.04 2.35
CA GLY A 28 9.19 1.90 1.18
C GLY A 28 8.74 1.17 -0.06
N ALA A 29 7.48 0.75 -0.08
CA ALA A 29 6.96 0.00 -1.22
C ALA A 29 5.71 0.65 -1.80
N ILE A 30 5.63 0.71 -3.12
CA ILE A 30 4.45 1.24 -3.79
C ILE A 30 3.94 0.27 -4.83
N ARG A 31 2.63 0.07 -4.86
CA ARG A 31 2.00 -0.81 -5.84
C ARG A 31 0.82 -0.11 -6.53
N PRO A 32 0.72 -0.27 -7.86
CA PRO A 32 -0.37 0.30 -8.65
C PRO A 32 -1.48 -0.72 -8.90
N ILE A 33 -2.72 -0.30 -8.70
CA ILE A 33 -3.86 -1.18 -8.90
C ILE A 33 -4.98 -0.44 -9.64
N ARG A 34 -5.54 -1.10 -10.66
CA ARG A 34 -6.62 -0.50 -11.45
C ARG A 34 -7.52 -1.59 -12.02
N MET A 35 -8.21 -2.31 -11.15
CA MET A 35 -9.11 -3.37 -11.56
C MET A 35 -10.57 -2.90 -11.54
N ILE A 36 -11.46 -3.72 -12.07
CA ILE A 36 -12.88 -3.39 -12.12
C ILE A 36 -13.67 -4.25 -11.15
ZN ZN B . 5.67 -2.56 4.22
N VAL A 1 0.23 -11.19 6.48
CA VAL A 1 0.52 -10.64 7.78
C VAL A 1 1.97 -10.12 7.89
N ILE A 2 2.92 -11.01 7.68
CA ILE A 2 4.34 -10.65 7.75
C ILE A 2 4.65 -9.42 6.92
N CYS A 3 4.17 -9.46 5.71
CA CYS A 3 4.36 -8.37 4.75
C CYS A 3 5.77 -8.43 4.17
N ARG A 4 6.76 -8.18 5.03
CA ARG A 4 8.17 -8.20 4.64
C ARG A 4 9.01 -7.53 5.72
N GLU A 5 8.78 -6.23 5.93
CA GLU A 5 9.48 -5.46 6.94
C GLU A 5 8.50 -4.62 7.73
N CYS A 6 7.27 -5.12 7.84
CA CYS A 6 6.21 -4.44 8.55
C CYS A 6 6.19 -4.85 10.01
N GLY A 7 6.25 -3.88 10.92
CA GLY A 7 6.24 -4.19 12.33
C GLY A 7 6.26 -2.97 13.24
N LYS A 8 5.61 -1.89 12.79
CA LYS A 8 5.56 -0.68 13.60
C LYS A 8 4.72 0.41 12.92
N PRO A 9 5.18 0.97 11.79
CA PRO A 9 4.45 2.03 11.07
C PRO A 9 2.96 1.70 10.89
N ASP A 10 2.53 1.31 9.69
CA ASP A 10 1.12 0.98 9.44
C ASP A 10 0.84 0.85 7.95
N THR A 11 -0.43 0.83 7.57
CA THR A 11 -0.80 0.71 6.16
C THR A 11 -1.80 1.80 5.77
N LYS A 12 -1.54 2.45 4.64
CA LYS A 12 -2.41 3.51 4.14
C LYS A 12 -2.74 3.29 2.67
N ILE A 13 -4.00 3.50 2.30
CA ILE A 13 -4.42 3.37 0.91
C ILE A 13 -4.86 4.73 0.37
N ILE A 14 -4.44 5.05 -0.86
CA ILE A 14 -4.83 6.32 -1.47
C ILE A 14 -5.37 6.08 -2.87
N LYS A 15 -6.44 6.77 -3.20
CA LYS A 15 -7.01 6.67 -4.54
C LYS A 15 -7.19 8.07 -5.16
N GLU A 16 -6.81 8.19 -6.43
CA GLU A 16 -6.96 9.45 -7.14
C GLU A 16 -7.64 9.21 -8.48
N GLY A 17 -8.58 10.07 -8.85
CA GLY A 17 -9.26 9.93 -10.13
C GLY A 17 -9.97 8.60 -10.27
N ARG A 18 -9.58 7.81 -11.27
CA ARG A 18 -10.21 6.51 -11.53
C ARG A 18 -9.22 5.35 -11.36
N VAL A 19 -8.14 5.60 -10.65
CA VAL A 19 -7.12 4.61 -10.39
C VAL A 19 -6.82 4.60 -8.90
N HIS A 20 -6.70 3.41 -8.37
CA HIS A 20 -6.38 3.22 -6.96
C HIS A 20 -4.96 2.66 -6.79
N LEU A 21 -4.24 3.20 -5.82
CA LEU A 21 -2.91 2.73 -5.50
C LEU A 21 -2.85 2.46 -4.01
N LEU A 22 -2.22 1.35 -3.67
CA LEU A 22 -2.04 0.97 -2.30
C LEU A 22 -0.58 1.11 -1.92
N LYS A 23 -0.36 1.67 -0.77
CA LYS A 23 0.95 1.86 -0.22
C LYS A 23 0.97 1.33 1.21
N CYS A 24 2.04 0.65 1.54
CA CYS A 24 2.23 0.14 2.87
C CYS A 24 3.53 0.72 3.38
N MET A 25 3.51 1.19 4.62
CA MET A 25 4.69 1.75 5.22
C MET A 25 5.22 0.85 6.31
N ALA A 26 6.51 0.60 6.22
CA ALA A 26 7.27 -0.24 7.15
C ALA A 26 8.01 -1.28 6.35
N CYS A 27 7.34 -1.79 5.33
CA CYS A 27 7.89 -2.77 4.43
C CYS A 27 8.19 -2.14 3.07
N GLY A 28 7.65 -0.94 2.87
CA GLY A 28 7.87 -0.24 1.60
C GLY A 28 7.34 -1.03 0.43
N ALA A 29 6.03 -1.18 0.36
CA ALA A 29 5.42 -1.95 -0.73
C ALA A 29 4.41 -1.13 -1.51
N ILE A 30 4.44 -1.25 -2.84
CA ILE A 30 3.47 -0.55 -3.67
C ILE A 30 2.77 -1.53 -4.62
N ARG A 31 1.45 -1.39 -4.73
CA ARG A 31 0.66 -2.23 -5.61
C ARG A 31 -0.25 -1.38 -6.49
N PRO A 32 -0.35 -1.71 -7.80
CA PRO A 32 -1.20 -1.01 -8.73
C PRO A 32 -2.57 -1.69 -8.90
N ILE A 33 -3.63 -0.92 -8.73
CA ILE A 33 -4.98 -1.45 -8.87
C ILE A 33 -5.83 -0.55 -9.77
N ARG A 34 -6.60 -1.18 -10.66
CA ARG A 34 -7.46 -0.44 -11.58
C ARG A 34 -6.64 0.47 -12.48
N MET A 35 -6.62 0.16 -13.78
CA MET A 35 -5.87 0.95 -14.74
C MET A 35 -6.64 1.08 -16.05
N ILE A 36 -7.96 1.16 -15.95
CA ILE A 36 -8.81 1.29 -17.13
C ILE A 36 -9.76 2.48 -16.99
ZN ZN B . 3.47 -3.76 4.95
N VAL A 1 1.08 -11.94 6.29
CA VAL A 1 -0.05 -11.25 5.72
C VAL A 1 0.22 -9.75 5.59
N ILE A 2 0.49 -9.08 6.71
CA ILE A 2 0.74 -7.65 6.70
C ILE A 2 1.83 -7.27 5.72
N CYS A 3 2.90 -7.99 5.80
CA CYS A 3 4.06 -7.78 4.94
C CYS A 3 5.08 -8.90 5.14
N ARG A 4 6.27 -8.73 4.57
CA ARG A 4 7.34 -9.72 4.70
C ARG A 4 8.07 -9.55 6.03
N GLU A 5 8.82 -8.46 6.14
CA GLU A 5 9.57 -8.16 7.37
C GLU A 5 9.21 -6.78 7.89
N CYS A 6 7.90 -6.51 7.95
CA CYS A 6 7.40 -5.22 8.42
C CYS A 6 6.93 -5.33 9.86
N GLY A 7 7.88 -5.35 10.80
CA GLY A 7 7.55 -5.46 12.21
C GLY A 7 6.46 -4.48 12.63
N LYS A 8 6.87 -3.26 12.97
CA LYS A 8 5.92 -2.23 13.39
C LYS A 8 5.97 -1.05 12.42
N PRO A 9 5.25 -1.16 11.29
CA PRO A 9 5.21 -0.15 10.27
C PRO A 9 3.90 0.64 10.29
N ASP A 10 3.49 1.12 9.12
CA ASP A 10 2.24 1.87 8.99
C ASP A 10 1.64 1.65 7.62
N THR A 11 0.33 1.82 7.49
CA THR A 11 -0.32 1.62 6.20
C THR A 11 -1.11 2.85 5.78
N LYS A 12 -0.91 3.26 4.52
CA LYS A 12 -1.60 4.42 3.97
C LYS A 12 -2.14 4.07 2.59
N ILE A 13 -3.37 4.48 2.30
CA ILE A 13 -3.96 4.24 0.99
C ILE A 13 -4.51 5.52 0.41
N ILE A 14 -4.25 5.75 -0.89
CA ILE A 14 -4.76 6.92 -1.58
C ILE A 14 -5.43 6.53 -2.89
N LYS A 15 -6.57 7.12 -3.17
CA LYS A 15 -7.28 6.86 -4.41
C LYS A 15 -7.62 8.16 -5.12
N GLU A 16 -7.41 8.18 -6.44
CA GLU A 16 -7.73 9.36 -7.24
C GLU A 16 -8.55 8.92 -8.45
N GLY A 17 -9.59 9.67 -8.78
CA GLY A 17 -10.39 9.32 -9.95
C GLY A 17 -11.01 7.92 -9.85
N ARG A 18 -10.39 6.94 -10.51
CA ARG A 18 -10.90 5.57 -10.50
C ARG A 18 -9.77 4.54 -10.40
N VAL A 19 -8.71 4.92 -9.72
CA VAL A 19 -7.55 4.07 -9.54
C VAL A 19 -7.15 4.12 -8.07
N HIS A 20 -6.84 2.96 -7.54
CA HIS A 20 -6.40 2.83 -6.15
C HIS A 20 -4.92 2.47 -6.08
N LEU A 21 -4.21 3.11 -5.17
CA LEU A 21 -2.80 2.85 -4.94
C LEU A 21 -2.60 2.60 -3.46
N LEU A 22 -1.80 1.60 -3.15
CA LEU A 22 -1.48 1.28 -1.78
C LEU A 22 -0.01 1.52 -1.53
N LYS A 23 0.27 2.12 -0.41
CA LYS A 23 1.62 2.41 0.03
C LYS A 23 1.80 1.93 1.46
N CYS A 24 2.92 1.32 1.71
CA CYS A 24 3.29 0.87 3.04
C CYS A 24 4.59 1.52 3.41
N MET A 25 4.67 2.01 4.63
CA MET A 25 5.89 2.63 5.10
C MET A 25 6.58 1.76 6.12
N ALA A 26 7.87 1.59 5.87
CA ALA A 26 8.78 0.80 6.71
C ALA A 26 9.56 -0.14 5.80
N CYS A 27 8.86 -0.68 4.82
CA CYS A 27 9.44 -1.57 3.84
C CYS A 27 9.50 -0.87 2.48
N GLY A 28 8.83 0.29 2.39
CA GLY A 28 8.80 1.03 1.15
C GLY A 28 8.23 0.21 0.02
N ALA A 29 6.96 -0.13 0.10
CA ALA A 29 6.33 -0.93 -0.94
C ALA A 29 5.16 -0.20 -1.58
N ILE A 30 5.08 -0.28 -2.91
CA ILE A 30 3.97 0.33 -3.64
C ILE A 30 3.32 -0.68 -4.57
N ARG A 31 1.99 -0.69 -4.60
CA ARG A 31 1.24 -1.57 -5.48
C ARG A 31 0.18 -0.80 -6.25
N PRO A 32 0.05 -1.08 -7.57
CA PRO A 32 -0.93 -0.45 -8.43
C PRO A 32 -2.17 -1.32 -8.63
N ILE A 33 -3.34 -0.72 -8.48
CA ILE A 33 -4.60 -1.44 -8.65
C ILE A 33 -5.57 -0.65 -9.51
N ARG A 34 -5.54 -0.89 -10.81
CA ARG A 34 -6.41 -0.20 -11.74
C ARG A 34 -7.85 -0.73 -11.64
N MET A 35 -8.07 -1.92 -12.16
CA MET A 35 -9.39 -2.55 -12.13
C MET A 35 -9.76 -2.95 -10.71
N ILE A 36 -11.05 -3.22 -10.50
CA ILE A 36 -11.54 -3.63 -9.19
C ILE A 36 -12.27 -4.96 -9.27
ZN ZN B . 5.32 -3.08 4.69
N VAL A 1 9.74 -8.51 4.13
CA VAL A 1 9.32 -9.17 2.92
C VAL A 1 7.79 -9.17 2.77
N ILE A 2 7.10 -9.78 3.74
CA ILE A 2 5.64 -9.87 3.70
C ILE A 2 4.99 -8.51 3.52
N CYS A 3 5.43 -7.59 4.33
CA CYS A 3 4.94 -6.21 4.31
C CYS A 3 3.41 -6.16 4.38
N ARG A 4 2.79 -7.21 4.93
CA ARG A 4 1.35 -7.26 5.04
C ARG A 4 0.91 -6.97 6.48
N GLU A 5 1.44 -7.75 7.42
CA GLU A 5 1.11 -7.58 8.82
C GLU A 5 2.12 -6.64 9.50
N CYS A 6 2.98 -6.02 8.70
CA CYS A 6 3.99 -5.10 9.22
C CYS A 6 3.34 -3.99 10.05
N GLY A 7 3.23 -4.23 11.37
CA GLY A 7 2.63 -3.25 12.25
C GLY A 7 3.65 -2.34 12.88
N LYS A 8 4.89 -2.82 12.98
CA LYS A 8 5.98 -2.04 13.56
C LYS A 8 6.15 -0.70 12.86
N PRO A 9 5.98 -0.65 11.52
CA PRO A 9 6.12 0.56 10.74
C PRO A 9 4.78 1.28 10.57
N ASP A 10 4.50 1.80 9.37
CA ASP A 10 3.23 2.49 9.14
C ASP A 10 2.65 2.14 7.78
N THR A 11 1.32 2.17 7.66
CA THR A 11 0.68 1.86 6.38
C THR A 11 -0.31 2.96 6.01
N LYS A 12 -0.22 3.42 4.76
CA LYS A 12 -1.11 4.46 4.25
C LYS A 12 -1.66 4.06 2.89
N ILE A 13 -2.95 4.30 2.66
CA ILE A 13 -3.55 4.01 1.37
C ILE A 13 -4.14 5.28 0.76
N ILE A 14 -3.89 5.48 -0.53
CA ILE A 14 -4.42 6.63 -1.25
C ILE A 14 -5.10 6.21 -2.54
N LYS A 15 -6.25 6.79 -2.84
CA LYS A 15 -6.95 6.48 -4.08
C LYS A 15 -7.26 7.76 -4.85
N GLU A 16 -7.03 7.72 -6.17
CA GLU A 16 -7.32 8.87 -7.03
C GLU A 16 -8.13 8.40 -8.24
N GLY A 17 -9.14 9.16 -8.62
CA GLY A 17 -9.92 8.80 -9.79
C GLY A 17 -10.55 7.42 -9.69
N ARG A 18 -10.11 6.48 -10.54
CA ARG A 18 -10.65 5.12 -10.55
C ARG A 18 -9.56 4.06 -10.35
N VAL A 19 -8.43 4.48 -9.79
CA VAL A 19 -7.32 3.60 -9.52
C VAL A 19 -6.87 3.80 -8.08
N HIS A 20 -6.61 2.69 -7.42
CA HIS A 20 -6.15 2.69 -6.04
C HIS A 20 -4.68 2.27 -5.96
N LEU A 21 -3.93 2.97 -5.13
CA LEU A 21 -2.53 2.67 -4.91
C LEU A 21 -2.30 2.59 -3.40
N LEU A 22 -1.55 1.59 -3.00
CA LEU A 22 -1.20 1.42 -1.60
C LEU A 22 0.29 1.64 -1.43
N LYS A 23 0.62 2.36 -0.41
CA LYS A 23 2.00 2.64 -0.06
C LYS A 23 2.21 2.35 1.41
N CYS A 24 3.34 1.72 1.70
CA CYS A 24 3.72 1.43 3.06
C CYS A 24 5.07 2.07 3.30
N MET A 25 5.22 2.69 4.45
CA MET A 25 6.45 3.33 4.81
C MET A 25 7.16 2.56 5.90
N ALA A 26 8.44 2.35 5.63
CA ALA A 26 9.39 1.64 6.49
C ALA A 26 9.95 0.46 5.71
N CYS A 27 9.06 -0.24 5.04
CA CYS A 27 9.43 -1.37 4.20
C CYS A 27 9.58 -0.88 2.76
N GLY A 28 9.07 0.31 2.48
CA GLY A 28 9.14 0.87 1.15
C GLY A 28 8.51 -0.04 0.13
N ALA A 29 7.19 -0.22 0.22
CA ALA A 29 6.51 -1.11 -0.71
C ALA A 29 5.33 -0.42 -1.39
N ILE A 30 5.19 -0.65 -2.69
CA ILE A 30 4.06 -0.09 -3.43
C ILE A 30 3.34 -1.20 -4.20
N ARG A 31 2.02 -1.17 -4.15
CA ARG A 31 1.20 -2.16 -4.85
C ARG A 31 0.11 -1.47 -5.67
N PRO A 32 -0.11 -1.92 -6.92
CA PRO A 32 -1.15 -1.40 -7.79
C PRO A 32 -2.44 -2.21 -7.72
N ILE A 33 -3.57 -1.52 -7.62
CA ILE A 33 -4.86 -2.18 -7.55
C ILE A 33 -5.91 -1.46 -8.40
N ARG A 34 -6.47 -2.19 -9.37
CA ARG A 34 -7.48 -1.62 -10.25
C ARG A 34 -8.19 -2.71 -11.04
N MET A 35 -9.44 -2.97 -10.68
CA MET A 35 -10.23 -4.00 -11.34
C MET A 35 -9.59 -5.37 -11.18
N ILE A 36 -10.37 -6.42 -11.40
CA ILE A 36 -9.88 -7.79 -11.29
C ILE A 36 -8.76 -8.05 -12.29
ZN ZN B . 5.09 -2.71 5.12
#